data_4J46
#
_entry.id   4J46
#
_cell.length_a   74.815
_cell.length_b   74.815
_cell.length_c   108.640
_cell.angle_alpha   90.00
_cell.angle_beta   90.00
_cell.angle_gamma   90.00
#
_symmetry.space_group_name_H-M   'I 4 2 2'
#
loop_
_entity.id
_entity.type
_entity.pdbx_description
1 polymer 'E3 ubiquitin-protein ligase XIAP'
2 polymer 'PEPTIDE (ALA-VAL-PRO-ILE)'
3 non-polymer 'ZINC ION'
4 water water
#
loop_
_entity_poly.entity_id
_entity_poly.type
_entity_poly.pdbx_seq_one_letter_code
_entity_poly.pdbx_strand_id
1 'polypeptide(L)'
;GTIYPRNPAMYSEEARLKSFQNWPDYAHLTPRELASAGLYYTGIGDQVQCFACGGKLKNWEPGDRAWSEHRRHFPNCFFV
LGRNLN
;
A,C
2 'polypeptide(L)' AVPI B
#
loop_
_chem_comp.id
_chem_comp.type
_chem_comp.name
_chem_comp.formula
ZN non-polymer 'ZINC ION' 'Zn 2'
#
# COMPACT_ATOMS: atom_id res chain seq x y z
N GLY A 1 13.42 4.97 3.78
CA GLY A 1 12.53 3.83 4.18
C GLY A 1 12.14 2.87 3.06
N THR A 2 11.53 1.78 3.46
CA THR A 2 11.21 0.72 2.53
C THR A 2 9.83 0.90 1.85
N ILE A 3 9.02 1.81 2.36
CA ILE A 3 7.76 2.26 1.70
C ILE A 3 7.87 3.76 1.43
N TYR A 4 7.08 4.26 0.51
CA TYR A 4 7.15 5.67 0.19
C TYR A 4 5.77 6.09 -0.31
N PRO A 5 5.19 7.15 0.23
CA PRO A 5 3.87 7.56 -0.22
C PRO A 5 3.90 8.16 -1.61
N ARG A 6 2.88 7.87 -2.43
CA ARG A 6 2.76 8.53 -3.70
C ARG A 6 2.68 10.04 -3.57
N ASN A 7 2.04 10.58 -2.55
CA ASN A 7 1.95 12.06 -2.36
C ASN A 7 2.27 12.50 -0.93
N PRO A 8 3.60 12.78 -0.64
CA PRO A 8 4.04 13.14 0.71
C PRO A 8 3.34 14.33 1.35
N ALA A 9 2.95 15.28 0.58
CA ALA A 9 2.34 16.49 1.13
C ALA A 9 0.95 16.14 1.71
N MET A 10 0.28 15.20 1.05
CA MET A 10 -1.01 14.70 1.50
C MET A 10 -0.92 13.68 2.56
N TYR A 11 0.31 13.56 3.10
CA TYR A 11 0.54 12.81 4.27
C TYR A 11 -0.35 13.23 5.46
N SER A 12 -0.55 14.55 5.58
CA SER A 12 -1.33 15.16 6.59
C SER A 12 -2.81 15.01 6.30
N GLU A 13 -3.57 14.51 7.27
CA GLU A 13 -5.03 14.50 7.18
C GLU A 13 -5.63 15.90 6.99
N GLU A 14 -5.04 16.92 7.61
CA GLU A 14 -5.53 18.28 7.43
C GLU A 14 -5.33 18.77 6.01
N ALA A 15 -4.20 18.42 5.41
CA ALA A 15 -3.96 18.80 4.02
C ALA A 15 -4.97 18.11 3.14
N ARG A 16 -5.25 16.84 3.45
CA ARG A 16 -6.23 16.09 2.63
C ARG A 16 -7.59 16.74 2.78
N LEU A 17 -7.99 17.14 3.98
CA LEU A 17 -9.28 17.72 4.19
C LEU A 17 -9.44 19.00 3.39
N LYS A 18 -8.40 19.85 3.39
CA LYS A 18 -8.42 21.09 2.62
C LYS A 18 -8.65 20.90 1.13
N SER A 19 -8.18 19.79 0.61
CA SER A 19 -8.31 19.52 -0.84
C SER A 19 -9.76 19.43 -1.29
N PHE A 20 -10.69 19.24 -0.35
CA PHE A 20 -12.13 19.16 -0.70
C PHE A 20 -12.88 20.49 -0.74
N GLN A 21 -12.17 21.62 -0.74
CA GLN A 21 -12.81 22.92 -0.83
C GLN A 21 -13.86 23.00 -1.92
N ASN A 22 -13.53 22.42 -3.07
CA ASN A 22 -14.45 22.48 -4.24
C ASN A 22 -15.00 21.09 -4.63
N TRP A 23 -15.08 20.20 -3.64
CA TRP A 23 -15.76 18.92 -3.79
C TRP A 23 -17.19 19.20 -4.29
N PRO A 24 -17.66 18.49 -5.33
CA PRO A 24 -18.96 18.86 -5.92
C PRO A 24 -20.14 18.60 -5.03
N ASP A 25 -21.17 19.39 -5.27
CA ASP A 25 -22.36 19.32 -4.44
C ASP A 25 -23.13 18.04 -4.59
N TYR A 26 -22.96 17.33 -5.69
CA TYR A 26 -23.61 16.04 -5.87
C TYR A 26 -22.89 14.89 -5.17
N ALA A 27 -21.68 15.15 -4.70
CA ALA A 27 -20.84 14.03 -4.21
C ALA A 27 -21.22 13.76 -2.77
N HIS A 28 -21.78 12.61 -2.49
CA HIS A 28 -22.43 12.42 -1.20
C HIS A 28 -21.52 12.12 -0.04
N LEU A 29 -20.37 11.51 -0.27
CA LEU A 29 -19.46 11.21 0.84
C LEU A 29 -18.85 12.51 1.38
N THR A 30 -18.63 12.54 2.67
CA THR A 30 -18.05 13.70 3.30
C THR A 30 -16.54 13.77 3.13
N PRO A 31 -16.00 14.97 2.95
CA PRO A 31 -14.55 15.17 3.09
C PRO A 31 -13.95 14.56 4.37
N ARG A 32 -14.63 14.65 5.49
CA ARG A 32 -14.12 14.05 6.73
C ARG A 32 -13.88 12.56 6.59
N GLU A 33 -14.86 11.86 6.06
CA GLU A 33 -14.74 10.40 5.91
C GLU A 33 -13.62 10.05 4.90
N LEU A 34 -13.59 10.77 3.77
CA LEU A 34 -12.66 10.49 2.71
C LEU A 34 -11.24 10.75 3.17
N ALA A 35 -10.99 11.92 3.75
CA ALA A 35 -9.66 12.25 4.26
C ALA A 35 -9.17 11.27 5.34
N SER A 36 -10.08 10.80 6.17
CA SER A 36 -9.70 9.83 7.22
C SER A 36 -9.23 8.49 6.67
N ALA A 37 -9.78 8.13 5.49
CA ALA A 37 -9.40 6.91 4.80
C ALA A 37 -8.17 7.10 3.91
N GLY A 38 -7.46 8.22 4.00
CA GLY A 38 -6.28 8.47 3.23
C GLY A 38 -6.43 9.20 1.91
N LEU A 39 -7.65 9.65 1.61
CA LEU A 39 -8.01 10.10 0.29
C LEU A 39 -8.11 11.60 0.24
N TYR A 40 -7.67 12.17 -0.89
CA TYR A 40 -7.76 13.58 -1.16
C TYR A 40 -8.37 13.80 -2.53
N TYR A 41 -8.91 15.00 -2.74
CA TYR A 41 -9.60 15.34 -3.98
C TYR A 41 -8.62 15.69 -5.07
N THR A 42 -8.80 15.04 -6.22
CA THR A 42 -7.96 15.31 -7.41
C THR A 42 -8.39 16.54 -8.17
N GLY A 43 -9.55 17.08 -7.88
CA GLY A 43 -10.07 18.22 -8.60
C GLY A 43 -10.90 17.87 -9.83
N ILE A 44 -11.11 16.58 -10.10
CA ILE A 44 -11.81 16.11 -11.29
C ILE A 44 -12.99 15.28 -10.84
N GLY A 45 -14.21 15.63 -11.28
CA GLY A 45 -15.39 14.85 -10.96
C GLY A 45 -15.52 14.59 -9.46
N ASP A 46 -15.84 13.36 -9.13
CA ASP A 46 -15.85 12.89 -7.74
C ASP A 46 -14.64 11.98 -7.47
N GLN A 47 -13.53 12.23 -8.20
CA GLN A 47 -12.37 11.35 -8.15
C GLN A 47 -11.42 11.80 -7.02
N VAL A 48 -11.14 10.84 -6.13
CA VAL A 48 -10.17 11.03 -5.07
C VAL A 48 -9.00 10.11 -5.27
N GLN A 49 -7.92 10.38 -4.53
CA GLN A 49 -6.68 9.60 -4.64
C GLN A 49 -6.12 9.35 -3.25
N CYS A 50 -5.51 8.20 -3.08
CA CYS A 50 -4.83 7.87 -1.81
C CYS A 50 -3.38 8.44 -1.79
N PHE A 51 -3.03 9.15 -0.73
CA PHE A 51 -1.69 9.70 -0.60
C PHE A 51 -0.63 8.61 -0.54
N ALA A 52 -0.99 7.44 -0.06
CA ALA A 52 -0.07 6.35 0.23
C ALA A 52 0.16 5.50 -1.02
N CYS A 53 -0.88 4.80 -1.47
CA CYS A 53 -0.74 3.87 -2.61
C CYS A 53 -0.90 4.52 -3.96
N GLY A 54 -1.48 5.72 -4.01
CA GLY A 54 -1.75 6.40 -5.23
C GLY A 54 -2.98 5.93 -5.98
N GLY A 55 -3.73 4.96 -5.48
CA GLY A 55 -4.96 4.52 -6.12
C GLY A 55 -6.00 5.62 -6.17
N LYS A 56 -6.82 5.61 -7.23
CA LYS A 56 -7.89 6.58 -7.42
C LYS A 56 -9.22 5.87 -7.37
N LEU A 57 -10.23 6.57 -6.82
CA LEU A 57 -11.58 6.07 -6.69
C LEU A 57 -12.54 7.14 -7.17
N LYS A 58 -13.50 6.72 -8.01
CA LYS A 58 -14.51 7.66 -8.51
C LYS A 58 -15.83 6.94 -8.75
N ASN A 59 -16.85 7.69 -9.12
CA ASN A 59 -18.18 7.12 -9.36
C ASN A 59 -18.73 6.40 -8.17
N TRP A 60 -18.70 7.13 -7.06
CA TRP A 60 -19.20 6.65 -5.80
C TRP A 60 -20.69 6.32 -5.84
N GLU A 61 -21.08 5.24 -5.16
CA GLU A 61 -22.48 4.75 -5.17
C GLU A 61 -23.09 4.90 -3.82
N PRO A 62 -24.43 4.98 -3.72
CA PRO A 62 -24.94 5.10 -2.35
C PRO A 62 -24.70 3.82 -1.55
N GLY A 63 -24.34 3.95 -0.28
CA GLY A 63 -23.95 2.82 0.50
C GLY A 63 -22.45 2.52 0.48
N ASP A 64 -21.71 3.11 -0.47
CA ASP A 64 -20.23 3.00 -0.47
C ASP A 64 -19.70 3.68 0.79
N ARG A 65 -18.67 3.07 1.37
CA ARG A 65 -17.93 3.68 2.45
C ARG A 65 -16.48 3.87 1.96
N ALA A 66 -15.84 4.95 2.38
CA ALA A 66 -14.49 5.25 1.93
C ALA A 66 -13.51 4.12 2.24
N TRP A 67 -13.48 3.70 3.50
CA TRP A 67 -12.49 2.69 3.89
C TRP A 67 -12.75 1.37 3.15
N SER A 68 -14.01 0.95 3.09
CA SER A 68 -14.29 -0.37 2.51
C SER A 68 -13.98 -0.37 0.98
N GLU A 69 -14.25 0.75 0.28
CA GLU A 69 -13.85 0.84 -1.12
C GLU A 69 -12.33 0.85 -1.27
N HIS A 70 -11.65 1.65 -0.45
CA HIS A 70 -10.18 1.68 -0.49
C HIS A 70 -9.59 0.31 -0.27
N ARG A 71 -10.08 -0.42 0.74
CA ARG A 71 -9.54 -1.77 1.03
C ARG A 71 -9.91 -2.77 -0.06
N ARG A 72 -11.13 -2.69 -0.59
CA ARG A 72 -11.57 -3.66 -1.63
C ARG A 72 -10.73 -3.54 -2.90
N HIS A 73 -10.43 -2.33 -3.33
CA HIS A 73 -9.78 -2.14 -4.61
C HIS A 73 -8.28 -2.06 -4.51
N PHE A 74 -7.77 -1.65 -3.33
CA PHE A 74 -6.33 -1.46 -3.13
C PHE A 74 -5.93 -2.13 -1.83
N PRO A 75 -6.07 -3.44 -1.74
CA PRO A 75 -5.84 -4.12 -0.47
C PRO A 75 -4.41 -4.13 0.02
N ASN A 76 -3.45 -3.91 -0.85
CA ASN A 76 -2.05 -3.96 -0.52
C ASN A 76 -1.47 -2.59 -0.23
N CYS A 77 -2.32 -1.59 -0.07
CA CYS A 77 -1.88 -0.26 0.31
C CYS A 77 -1.35 -0.23 1.72
N PHE A 78 -0.21 0.44 1.96
CA PHE A 78 0.32 0.47 3.33
C PHE A 78 -0.56 1.22 4.29
N PHE A 79 -1.33 2.18 3.81
CA PHE A 79 -2.26 2.86 4.70
C PHE A 79 -3.43 1.97 5.13
N VAL A 80 -3.96 1.19 4.18
CA VAL A 80 -4.95 0.17 4.44
C VAL A 80 -4.43 -0.84 5.44
N LEU A 81 -3.19 -1.30 5.22
CA LEU A 81 -2.61 -2.40 5.99
C LEU A 81 -2.03 -1.93 7.35
N GLY A 82 -1.96 -0.62 7.54
CA GLY A 82 -1.38 -0.01 8.78
C GLY A 82 -2.46 0.47 9.70
N ARG A 83 -3.72 0.41 9.24
CA ARG A 83 -4.89 1.02 9.89
C ARG A 83 -5.20 0.37 11.23
N ALA B 1 -17.65 2.15 -5.70
CA ALA B 1 -16.86 3.05 -6.56
C ALA B 1 -16.01 2.26 -7.55
N VAL B 2 -15.45 3.00 -8.49
CA VAL B 2 -14.61 2.52 -9.57
C VAL B 2 -13.14 2.90 -9.31
N PRO B 3 -12.23 1.90 -9.38
CA PRO B 3 -10.82 2.18 -9.15
C PRO B 3 -10.03 2.54 -10.41
N ILE B 4 -9.09 3.45 -10.33
CA ILE B 4 -8.09 3.72 -11.37
C ILE B 4 -6.66 3.61 -10.84
N ALA C 9 0.86 -20.15 -5.86
CA ALA C 9 2.08 -20.10 -6.74
C ALA C 9 3.28 -19.56 -5.95
N MET C 10 3.11 -18.40 -5.32
CA MET C 10 4.09 -17.86 -4.39
C MET C 10 3.82 -18.28 -2.94
N TYR C 11 2.91 -19.23 -2.73
CA TYR C 11 2.66 -19.80 -1.38
C TYR C 11 3.82 -20.58 -0.83
N SER C 12 4.50 -21.26 -1.75
CA SER C 12 5.69 -22.05 -1.43
C SER C 12 6.90 -21.16 -1.19
N GLU C 13 7.55 -21.31 -0.04
CA GLU C 13 8.82 -20.63 0.23
C GLU C 13 9.86 -20.95 -0.87
N GLU C 14 9.83 -22.18 -1.39
CA GLU C 14 10.73 -22.56 -2.46
C GLU C 14 10.45 -21.78 -3.75
N ALA C 15 9.17 -21.54 -4.05
CA ALA C 15 8.81 -20.78 -5.25
C ALA C 15 9.22 -19.30 -5.11
N ARG C 16 9.14 -18.79 -3.89
CA ARG C 16 9.49 -17.37 -3.62
C ARG C 16 11.00 -17.26 -3.79
N LEU C 17 11.72 -18.30 -3.36
CA LEU C 17 13.18 -18.27 -3.47
C LEU C 17 13.57 -18.24 -4.94
N LYS C 18 12.90 -19.05 -5.74
CA LYS C 18 13.16 -19.07 -7.18
C LYS C 18 12.91 -17.76 -7.91
N SER C 19 12.02 -16.91 -7.38
CA SER C 19 11.80 -15.60 -7.98
C SER C 19 13.01 -14.67 -7.94
N PHE C 20 13.98 -14.99 -7.08
CA PHE C 20 15.18 -14.16 -6.91
C PHE C 20 16.29 -14.40 -7.94
N GLN C 21 15.94 -15.04 -9.07
CA GLN C 21 16.80 -14.95 -10.24
C GLN C 21 16.84 -13.45 -10.56
N ASN C 22 18.02 -12.98 -10.90
CA ASN C 22 18.22 -11.59 -11.29
C ASN C 22 18.18 -10.61 -10.12
N TRP C 23 18.12 -11.12 -8.89
CA TRP C 23 18.25 -10.25 -7.68
C TRP C 23 19.61 -9.53 -7.75
N PRO C 24 19.64 -8.20 -7.55
CA PRO C 24 20.93 -7.49 -7.80
C PRO C 24 21.93 -7.82 -6.74
N ASP C 25 23.19 -7.87 -7.15
CA ASP C 25 24.31 -8.16 -6.26
C ASP C 25 24.54 -7.12 -5.18
N TYR C 26 24.16 -5.88 -5.45
CA TYR C 26 24.34 -4.86 -4.43
C TYR C 26 23.39 -5.03 -3.25
N ALA C 27 22.24 -5.68 -3.49
CA ALA C 27 21.15 -5.57 -2.53
C ALA C 27 21.57 -6.03 -1.15
N HIS C 28 21.04 -5.34 -0.13
CA HIS C 28 21.54 -5.46 1.24
C HIS C 28 20.84 -6.56 2.11
N LEU C 29 20.00 -7.40 1.49
CA LEU C 29 19.49 -8.67 2.09
C LEU C 29 19.46 -9.80 1.08
N THR C 30 19.41 -11.05 1.55
CA THR C 30 19.43 -12.24 0.68
C THR C 30 18.06 -12.80 0.28
N PRO C 31 18.00 -13.50 -0.88
CA PRO C 31 16.79 -14.18 -1.27
C PRO C 31 16.17 -15.09 -0.21
N ARG C 32 16.98 -15.83 0.53
CA ARG C 32 16.44 -16.73 1.52
C ARG C 32 15.83 -16.02 2.72
N GLU C 33 16.47 -14.99 3.23
CA GLU C 33 15.85 -14.22 4.29
C GLU C 33 14.48 -13.60 3.83
N LEU C 34 14.50 -13.03 2.66
CA LEU C 34 13.29 -12.36 2.12
C LEU C 34 12.16 -13.38 1.93
N ALA C 35 12.50 -14.52 1.35
CA ALA C 35 11.47 -15.52 1.01
C ALA C 35 10.89 -16.09 2.30
N SER C 36 11.74 -16.27 3.30
CA SER C 36 11.26 -16.78 4.61
C SER C 36 10.24 -15.83 5.32
N ALA C 37 10.39 -14.54 5.05
CA ALA C 37 9.52 -13.48 5.54
C ALA C 37 8.30 -13.24 4.62
N GLY C 38 8.09 -14.11 3.66
CA GLY C 38 6.89 -14.10 2.80
C GLY C 38 7.08 -13.32 1.52
N LEU C 39 8.31 -12.87 1.27
CA LEU C 39 8.52 -11.85 0.23
C LEU C 39 9.12 -12.49 -1.02
N TYR C 40 8.72 -12.06 -2.19
CA TYR C 40 9.31 -12.50 -3.43
C TYR C 40 9.67 -11.33 -4.31
N TYR C 41 10.57 -11.54 -5.24
CA TYR C 41 11.09 -10.47 -6.07
C TYR C 41 10.11 -10.09 -7.18
N THR C 42 9.91 -8.79 -7.41
CA THR C 42 8.99 -8.36 -8.43
C THR C 42 9.66 -8.27 -9.78
N GLY C 43 10.99 -8.29 -9.78
CA GLY C 43 11.79 -8.26 -10.99
C GLY C 43 12.40 -6.93 -11.30
N ILE C 44 12.12 -5.88 -10.53
CA ILE C 44 12.76 -4.56 -10.71
C ILE C 44 13.49 -4.08 -9.44
N GLY C 45 14.70 -3.54 -9.61
CA GLY C 45 15.41 -2.92 -8.51
C GLY C 45 15.65 -3.97 -7.44
N ASP C 46 15.45 -3.56 -6.18
CA ASP C 46 15.47 -4.47 -5.05
C ASP C 46 14.06 -4.59 -4.45
N GLN C 47 13.02 -4.47 -5.31
CA GLN C 47 11.65 -4.48 -4.81
C GLN C 47 11.12 -5.89 -4.67
N VAL C 48 10.46 -6.14 -3.53
CA VAL C 48 9.85 -7.38 -3.20
C VAL C 48 8.41 -7.13 -2.77
N GLN C 49 7.62 -8.20 -2.82
CA GLN C 49 6.21 -8.17 -2.50
C GLN C 49 5.83 -9.37 -1.65
N CYS C 50 4.87 -9.17 -0.74
CA CYS C 50 4.39 -10.26 0.14
C CYS C 50 3.32 -11.11 -0.56
N PHE C 51 3.44 -12.41 -0.46
CA PHE C 51 2.48 -13.35 -1.06
C PHE C 51 1.14 -13.34 -0.38
N ALA C 52 1.06 -12.83 0.83
CA ALA C 52 -0.17 -12.84 1.64
C ALA C 52 -0.86 -11.49 1.58
N CYS C 53 -0.19 -10.39 1.88
CA CYS C 53 -0.80 -9.08 1.85
C CYS C 53 -0.60 -8.27 0.59
N GLY C 54 0.34 -8.65 -0.26
CA GLY C 54 0.67 -7.90 -1.43
C GLY C 54 1.46 -6.65 -1.24
N GLY C 55 1.81 -6.34 -0.01
CA GLY C 55 2.60 -5.17 0.25
C GLY C 55 3.96 -5.19 -0.44
N LYS C 56 4.42 -4.05 -0.94
CA LYS C 56 5.70 -3.93 -1.60
C LYS C 56 6.70 -3.16 -0.76
N LEU C 57 7.95 -3.64 -0.80
CA LEU C 57 9.08 -3.04 -0.06
C LEU C 57 10.28 -2.91 -1.00
N LYS C 58 11.01 -1.80 -0.89
CA LYS C 58 12.17 -1.57 -1.71
C LYS C 58 13.13 -0.66 -1.01
N ASN C 59 14.26 -0.39 -1.65
CA ASN C 59 15.29 0.50 -1.11
C ASN C 59 15.73 0.04 0.28
N TRP C 60 16.04 -1.24 0.35
CA TRP C 60 16.59 -1.86 1.56
C TRP C 60 17.95 -1.23 1.92
N GLU C 61 18.15 -1.00 3.21
CA GLU C 61 19.41 -0.40 3.69
C GLU C 61 20.20 -1.39 4.48
N PRO C 62 21.54 -1.21 4.55
CA PRO C 62 22.32 -2.14 5.38
C PRO C 62 21.78 -2.21 6.82
N GLY C 63 21.68 -3.41 7.35
CA GLY C 63 21.19 -3.61 8.69
C GLY C 63 19.69 -3.88 8.75
N ASP C 64 18.95 -3.58 7.69
CA ASP C 64 17.52 -3.91 7.69
C ASP C 64 17.30 -5.39 7.82
N ARG C 65 16.18 -5.79 8.45
CA ARG C 65 15.78 -7.20 8.52
C ARG C 65 14.45 -7.35 7.78
N ALA C 66 14.28 -8.42 7.03
CA ALA C 66 13.05 -8.64 6.21
C ALA C 66 11.79 -8.61 7.10
N TRP C 67 11.78 -9.40 8.16
CA TRP C 67 10.61 -9.47 9.02
C TRP C 67 10.28 -8.15 9.70
N SER C 68 11.28 -7.44 10.18
CA SER C 68 11.04 -6.19 10.85
C SER C 68 10.38 -5.17 9.95
N GLU C 69 10.88 -5.07 8.72
CA GLU C 69 10.27 -4.11 7.80
C GLU C 69 8.86 -4.54 7.37
N HIS C 70 8.68 -5.82 7.13
CA HIS C 70 7.36 -6.35 6.73
C HIS C 70 6.37 -5.98 7.83
N ARG C 71 6.69 -6.30 9.07
CA ARG C 71 5.76 -6.01 10.20
C ARG C 71 5.57 -4.51 10.45
N ARG C 72 6.61 -3.74 10.29
CA ARG C 72 6.50 -2.29 10.51
C ARG C 72 5.53 -1.59 9.54
N HIS C 73 5.61 -2.00 8.29
CA HIS C 73 4.80 -1.35 7.26
C HIS C 73 3.45 -1.97 6.98
N PHE C 74 3.31 -3.26 7.22
CA PHE C 74 2.09 -3.99 6.87
C PHE C 74 1.64 -4.78 8.11
N PRO C 75 1.33 -4.08 9.21
CA PRO C 75 1.03 -4.81 10.44
C PRO C 75 -0.21 -5.65 10.40
N ASN C 76 -1.18 -5.31 9.55
CA ASN C 76 -2.42 -6.09 9.43
C ASN C 76 -2.31 -7.24 8.43
N CYS C 77 -1.18 -7.46 7.81
CA CYS C 77 -0.94 -8.67 7.01
C CYS C 77 -1.20 -9.90 7.87
N PHE C 78 -1.97 -10.84 7.32
CA PHE C 78 -2.28 -12.02 8.05
C PHE C 78 -1.06 -12.83 8.39
N PHE C 79 -0.09 -12.92 7.47
CA PHE C 79 1.15 -13.66 7.69
C PHE C 79 1.92 -13.01 8.83
N VAL C 80 2.01 -11.67 8.82
CA VAL C 80 2.67 -10.94 9.94
C VAL C 80 1.95 -11.23 11.26
N LEU C 81 0.61 -11.22 11.24
CA LEU C 81 -0.15 -11.39 12.48
C LEU C 81 0.09 -12.77 13.04
N GLY C 82 0.24 -13.79 12.19
CA GLY C 82 0.49 -15.15 12.66
C GLY C 82 1.90 -15.33 13.20
N ARG C 83 2.89 -14.77 12.50
CA ARG C 83 4.31 -14.75 12.93
C ARG C 83 4.47 -14.12 14.31
N ASN C 84 3.68 -13.09 14.62
CA ASN C 84 3.73 -12.47 15.94
C ASN C 84 3.14 -13.42 16.97
ZN ZN D . -4.16 3.58 -0.52
ZN ZN E . 2.47 -9.38 4.13
#